data_1L3Q
# 
_entry.id   1L3Q 
# 
_audit_conform.dict_name       mmcif_pdbx.dic 
_audit_conform.dict_version    5.392 
_audit_conform.dict_location   http://mmcif.pdb.org/dictionaries/ascii/mmcif_pdbx.dic 
# 
loop_
_database_2.database_id 
_database_2.database_code 
_database_2.pdbx_database_accession 
_database_2.pdbx_DOI 
PDB   1L3Q         pdb_00001l3q 10.2210/pdb1l3q/pdb 
RCSB  RCSB015616   ?            ?                   
WWPDB D_1000015616 ?            ?                   
# 
loop_
_pdbx_audit_revision_history.ordinal 
_pdbx_audit_revision_history.data_content_type 
_pdbx_audit_revision_history.major_revision 
_pdbx_audit_revision_history.minor_revision 
_pdbx_audit_revision_history.revision_date 
1 'Structure model' 1 0 2002-03-15 
2 'Structure model' 1 1 2008-04-28 
3 'Structure model' 1 2 2011-07-13 
4 'Structure model' 1 3 2022-02-23 
5 'Structure model' 1 4 2024-05-22 
# 
_pdbx_audit_revision_details.ordinal             1 
_pdbx_audit_revision_details.revision_ordinal    1 
_pdbx_audit_revision_details.data_content_type   'Structure model' 
_pdbx_audit_revision_details.provider            repository 
_pdbx_audit_revision_details.type                'Initial release' 
_pdbx_audit_revision_details.description         ? 
_pdbx_audit_revision_details.details             ? 
# 
loop_
_pdbx_audit_revision_group.ordinal 
_pdbx_audit_revision_group.revision_ordinal 
_pdbx_audit_revision_group.data_content_type 
_pdbx_audit_revision_group.group 
1 2 'Structure model' 'Version format compliance' 
2 3 'Structure model' 'Version format compliance' 
3 4 'Structure model' 'Data collection'           
4 4 'Structure model' 'Database references'       
5 4 'Structure model' 'Derived calculations'      
6 5 'Structure model' 'Data collection'           
# 
loop_
_pdbx_audit_revision_category.ordinal 
_pdbx_audit_revision_category.revision_ordinal 
_pdbx_audit_revision_category.data_content_type 
_pdbx_audit_revision_category.category 
1 4 'Structure model' database_2            
2 4 'Structure model' pdbx_nmr_software     
3 4 'Structure model' pdbx_struct_assembly  
4 4 'Structure model' pdbx_struct_oper_list 
5 5 'Structure model' chem_comp_atom        
6 5 'Structure model' chem_comp_bond        
# 
loop_
_pdbx_audit_revision_item.ordinal 
_pdbx_audit_revision_item.revision_ordinal 
_pdbx_audit_revision_item.data_content_type 
_pdbx_audit_revision_item.item 
1 4 'Structure model' '_database_2.pdbx_DOI'                
2 4 'Structure model' '_database_2.pdbx_database_accession' 
3 4 'Structure model' '_pdbx_nmr_software.name'             
# 
_pdbx_database_status.status_code                     REL 
_pdbx_database_status.entry_id                        1L3Q 
_pdbx_database_status.recvd_initial_deposition_date   2002-02-28 
_pdbx_database_status.deposit_site                    RCSB 
_pdbx_database_status.process_site                    RCSB 
_pdbx_database_status.status_code_sf                  ? 
_pdbx_database_status.status_code_mr                  ? 
_pdbx_database_status.SG_entry                        N 
_pdbx_database_status.pdb_format_compatible           Y 
_pdbx_database_status.status_code_cs                  ? 
_pdbx_database_status.status_code_nmr_data            ? 
_pdbx_database_status.methods_development_category    ? 
# 
loop_
_audit_author.name 
_audit_author.pdbx_ordinal 
'Evans, J.S.'   1 
'Wustman, B.A.' 2 
'Zhang, B.'     3 
'Morse, D.E.'   4 
# 
_citation.id                        primary 
_citation.title                     
;Model peptide studies of sequence regions in the elastomeric biomineralization protein, Lustrin A. I. The C-domain consensus-PG-, -NVNCT-motif
;
_citation.journal_abbrev            Biopolymers 
_citation.journal_volume            63 
_citation.page_first                358 
_citation.page_last                 369 
_citation.year                      2002 
_citation.journal_id_ASTM           BIPMAA 
_citation.country                   US 
_citation.journal_id_ISSN           0006-3525 
_citation.journal_id_CSD            0161 
_citation.book_publisher            ? 
_citation.pdbx_database_id_PubMed   11920437 
_citation.pdbx_database_id_DOI      10.1002/bip.10069 
# 
loop_
_citation_author.citation_id 
_citation_author.name 
_citation_author.ordinal 
_citation_author.identifier_ORCID 
primary 'Zhang, B.'     1 ? 
primary 'Wustman, B.A.' 2 ? 
primary 'Morse, D.E.'   3 ? 
primary 'Evans, J.S.'   4 ? 
# 
_entity.id                         1 
_entity.type                       polymer 
_entity.src_method                 syn 
_entity.pdbx_description           'Lustrin A' 
_entity.formula_weight             1253.362 
_entity.pdbx_number_of_molecules   1 
_entity.pdbx_ec                    ? 
_entity.pdbx_mutation              ? 
_entity.pdbx_fragment              'Lustrin A consensus repeat, residues 142-153' 
_entity.details                    'nacre layer' 
# 
_entity_name_com.entity_id   1 
_entity_name_com.name        'aragonite-associated protein' 
# 
_entity_poly.entity_id                      1 
_entity_poly.type                           'polypeptide(L)' 
_entity_poly.nstd_linkage                   no 
_entity_poly.nstd_monomer                   no 
_entity_poly.pdbx_seq_one_letter_code       FPGKNVNCTSGE 
_entity_poly.pdbx_seq_one_letter_code_can   FPGKNVNCTSGE 
_entity_poly.pdbx_strand_id                 A 
_entity_poly.pdbx_target_identifier         ? 
# 
loop_
_entity_poly_seq.entity_id 
_entity_poly_seq.num 
_entity_poly_seq.mon_id 
_entity_poly_seq.hetero 
1 1  PHE n 
1 2  PRO n 
1 3  GLY n 
1 4  LYS n 
1 5  ASN n 
1 6  VAL n 
1 7  ASN n 
1 8  CYS n 
1 9  THR n 
1 10 SER n 
1 11 GLY n 
1 12 GLU n 
# 
_pdbx_entity_src_syn.entity_id              1 
_pdbx_entity_src_syn.pdbx_src_id            1 
_pdbx_entity_src_syn.pdbx_alt_source_flag   sample 
_pdbx_entity_src_syn.pdbx_beg_seq_num       ? 
_pdbx_entity_src_syn.pdbx_end_seq_num       ? 
_pdbx_entity_src_syn.organism_scientific    ? 
_pdbx_entity_src_syn.organism_common_name   ? 
_pdbx_entity_src_syn.ncbi_taxonomy_id       ? 
_pdbx_entity_src_syn.details                
'solid phase peptide synthesis (FMOC). Occurs naturally in Haliotis rufescens, California red abalone' 
# 
loop_
_chem_comp.id 
_chem_comp.type 
_chem_comp.mon_nstd_flag 
_chem_comp.name 
_chem_comp.pdbx_synonyms 
_chem_comp.formula 
_chem_comp.formula_weight 
ASN 'L-peptide linking' y ASPARAGINE      ? 'C4 H8 N2 O3'    132.118 
CYS 'L-peptide linking' y CYSTEINE        ? 'C3 H7 N O2 S'   121.158 
GLU 'L-peptide linking' y 'GLUTAMIC ACID' ? 'C5 H9 N O4'     147.129 
GLY 'peptide linking'   y GLYCINE         ? 'C2 H5 N O2'     75.067  
LYS 'L-peptide linking' y LYSINE          ? 'C6 H15 N2 O2 1' 147.195 
PHE 'L-peptide linking' y PHENYLALANINE   ? 'C9 H11 N O2'    165.189 
PRO 'L-peptide linking' y PROLINE         ? 'C5 H9 N O2'     115.130 
SER 'L-peptide linking' y SERINE          ? 'C3 H7 N O3'     105.093 
THR 'L-peptide linking' y THREONINE       ? 'C4 H9 N O3'     119.119 
VAL 'L-peptide linking' y VALINE          ? 'C5 H11 N O2'    117.146 
# 
loop_
_pdbx_poly_seq_scheme.asym_id 
_pdbx_poly_seq_scheme.entity_id 
_pdbx_poly_seq_scheme.seq_id 
_pdbx_poly_seq_scheme.mon_id 
_pdbx_poly_seq_scheme.ndb_seq_num 
_pdbx_poly_seq_scheme.pdb_seq_num 
_pdbx_poly_seq_scheme.auth_seq_num 
_pdbx_poly_seq_scheme.pdb_mon_id 
_pdbx_poly_seq_scheme.auth_mon_id 
_pdbx_poly_seq_scheme.pdb_strand_id 
_pdbx_poly_seq_scheme.pdb_ins_code 
_pdbx_poly_seq_scheme.hetero 
A 1 1  PHE 1  1  1  PHE PHE A . n 
A 1 2  PRO 2  2  2  PRO PRO A . n 
A 1 3  GLY 3  3  3  GLY GLY A . n 
A 1 4  LYS 4  4  4  LYS LYS A . n 
A 1 5  ASN 5  5  5  ASN ASN A . n 
A 1 6  VAL 6  6  6  VAL VAL A . n 
A 1 7  ASN 7  7  7  ASN ASN A . n 
A 1 8  CYS 8  8  8  CYS CYS A . n 
A 1 9  THR 9  9  9  THR THR A . n 
A 1 10 SER 10 10 10 SER SER A . n 
A 1 11 GLY 11 11 11 GLY GLY A . n 
A 1 12 GLU 12 12 12 GLU GLU A . n 
# 
_exptl.entry_id          1L3Q 
_exptl.method            'SOLUTION NMR' 
_exptl.crystals_number   ? 
# 
_struct.entry_id                  1L3Q 
_struct.title                     'H. rufescens abalone shell Lustrin A consensus repeat, FPGKNVNCTSGE, pH 7.4, 1-H NMR structure' 
_struct.pdbx_model_details        ? 
_struct.pdbx_CASP_flag            ? 
_struct.pdbx_model_type_details   ? 
# 
_struct_keywords.entry_id        1L3Q 
_struct_keywords.pdbx_keywords   'STRUCTURAL PROTEIN' 
_struct_keywords.text            'loop, STRUCTURAL PROTEIN' 
# 
_struct_asym.id                            A 
_struct_asym.pdbx_blank_PDB_chainid_flag   N 
_struct_asym.pdbx_modified                 N 
_struct_asym.entity_id                     1 
_struct_asym.details                       ? 
# 
_struct_ref.id                         1 
_struct_ref.entity_id                  1 
_struct_ref.db_name                    PDB 
_struct_ref.db_code                    1L3Q 
_struct_ref.pdbx_db_accession          1L3Q 
_struct_ref.pdbx_db_isoform            ? 
_struct_ref.pdbx_seq_one_letter_code   ? 
_struct_ref.pdbx_align_begin           ? 
# 
_struct_ref_seq.align_id                      1 
_struct_ref_seq.ref_id                        1 
_struct_ref_seq.pdbx_PDB_id_code              1L3Q 
_struct_ref_seq.pdbx_strand_id                A 
_struct_ref_seq.seq_align_beg                 1 
_struct_ref_seq.pdbx_seq_align_beg_ins_code   ? 
_struct_ref_seq.seq_align_end                 12 
_struct_ref_seq.pdbx_seq_align_end_ins_code   ? 
_struct_ref_seq.pdbx_db_accession             1L3Q 
_struct_ref_seq.db_align_beg                  1 
_struct_ref_seq.pdbx_db_align_beg_ins_code    ? 
_struct_ref_seq.db_align_end                  12 
_struct_ref_seq.pdbx_db_align_end_ins_code    ? 
_struct_ref_seq.pdbx_auth_seq_align_beg       1 
_struct_ref_seq.pdbx_auth_seq_align_end       12 
# 
_pdbx_struct_assembly.id                   1 
_pdbx_struct_assembly.details              author_defined_assembly 
_pdbx_struct_assembly.method_details       ? 
_pdbx_struct_assembly.oligomeric_details   monomeric 
_pdbx_struct_assembly.oligomeric_count     1 
# 
_pdbx_struct_assembly_gen.assembly_id       1 
_pdbx_struct_assembly_gen.oper_expression   1 
_pdbx_struct_assembly_gen.asym_id_list      A 
# 
_pdbx_struct_oper_list.id                   1 
_pdbx_struct_oper_list.type                 'identity operation' 
_pdbx_struct_oper_list.name                 1_555 
_pdbx_struct_oper_list.symmetry_operation   x,y,z 
_pdbx_struct_oper_list.matrix[1][1]         1.0000000000 
_pdbx_struct_oper_list.matrix[1][2]         0.0000000000 
_pdbx_struct_oper_list.matrix[1][3]         0.0000000000 
_pdbx_struct_oper_list.vector[1]            0.0000000000 
_pdbx_struct_oper_list.matrix[2][1]         0.0000000000 
_pdbx_struct_oper_list.matrix[2][2]         1.0000000000 
_pdbx_struct_oper_list.matrix[2][3]         0.0000000000 
_pdbx_struct_oper_list.vector[2]            0.0000000000 
_pdbx_struct_oper_list.matrix[3][1]         0.0000000000 
_pdbx_struct_oper_list.matrix[3][2]         0.0000000000 
_pdbx_struct_oper_list.matrix[3][3]         1.0000000000 
_pdbx_struct_oper_list.vector[3]            0.0000000000 
# 
_struct_biol.id   1 
# 
loop_
_pdbx_validate_torsion.id 
_pdbx_validate_torsion.PDB_model_num 
_pdbx_validate_torsion.auth_comp_id 
_pdbx_validate_torsion.auth_asym_id 
_pdbx_validate_torsion.auth_seq_id 
_pdbx_validate_torsion.PDB_ins_code 
_pdbx_validate_torsion.label_alt_id 
_pdbx_validate_torsion.phi 
_pdbx_validate_torsion.psi 
1 1 ASN A 7  ? ? -137.02 -69.30 
2 1 SER A 10 ? ? -122.75 -60.44 
# 
_pdbx_nmr_ensemble.entry_id                                      1L3Q 
_pdbx_nmr_ensemble.conformers_calculated_total_number            ? 
_pdbx_nmr_ensemble.conformers_submitted_total_number             1 
_pdbx_nmr_ensemble.conformer_selection_criteria                  'lowest energy' 
_pdbx_nmr_ensemble.average_constraints_per_residue               ? 
_pdbx_nmr_ensemble.average_constraint_violations_per_residue     ? 
_pdbx_nmr_ensemble.maximum_distance_constraint_violation         ? 
_pdbx_nmr_ensemble.average_distance_constraint_violation         ? 
_pdbx_nmr_ensemble.maximum_upper_distance_constraint_violation   ? 
_pdbx_nmr_ensemble.maximum_lower_distance_constraint_violation   ? 
_pdbx_nmr_ensemble.distance_constraint_violation_method          ? 
_pdbx_nmr_ensemble.maximum_torsion_angle_constraint_violation    ? 
_pdbx_nmr_ensemble.average_torsion_angle_constraint_violation    ? 
_pdbx_nmr_ensemble.torsion_angle_constraint_violation_method     ? 
# 
_pdbx_nmr_representative.entry_id             1L3Q 
_pdbx_nmr_representative.conformer_id         1 
_pdbx_nmr_representative.selection_criteria   'lowest energy' 
# 
_pdbx_nmr_sample_details.solution_id      1 
_pdbx_nmr_sample_details.contents         '1 mM sodium phosphate, pH 7.4' 
_pdbx_nmr_sample_details.solvent_system   '90% H2O/10% D2O' 
# 
loop_
_pdbx_nmr_exptl.experiment_id 
_pdbx_nmr_exptl.solution_id 
_pdbx_nmr_exptl.conditions_id 
_pdbx_nmr_exptl.type 
1 1 1 'PFG ROESY' 
2 1 1 PE-COSY     
# 
_pdbx_nmr_refine.entry_id           1L3Q 
_pdbx_nmr_refine.method             'simulated annealing' 
_pdbx_nmr_refine.details            
;Structure based on 42 restraints, 33 NOE distance constraints, 9 dihedral angle restraints. Simulated 
annealing/minimization with implicit solvent electrostatics
;
_pdbx_nmr_refine.software_ordinal   1 
# 
_pdbx_nmr_software.name             Discover 
_pdbx_nmr_software.version          3.0 
_pdbx_nmr_software.classification   refinement 
_pdbx_nmr_software.authors          'Hagler, Osguthorpe' 
_pdbx_nmr_software.ordinal          1 
# 
loop_
_chem_comp_atom.comp_id 
_chem_comp_atom.atom_id 
_chem_comp_atom.type_symbol 
_chem_comp_atom.pdbx_aromatic_flag 
_chem_comp_atom.pdbx_stereo_config 
_chem_comp_atom.pdbx_ordinal 
ASN N    N N N 1   
ASN CA   C N S 2   
ASN C    C N N 3   
ASN O    O N N 4   
ASN CB   C N N 5   
ASN CG   C N N 6   
ASN OD1  O N N 7   
ASN ND2  N N N 8   
ASN OXT  O N N 9   
ASN H    H N N 10  
ASN H2   H N N 11  
ASN HA   H N N 12  
ASN HB2  H N N 13  
ASN HB3  H N N 14  
ASN HD21 H N N 15  
ASN HD22 H N N 16  
ASN HXT  H N N 17  
CYS N    N N N 18  
CYS CA   C N R 19  
CYS C    C N N 20  
CYS O    O N N 21  
CYS CB   C N N 22  
CYS SG   S N N 23  
CYS OXT  O N N 24  
CYS H    H N N 25  
CYS H2   H N N 26  
CYS HA   H N N 27  
CYS HB2  H N N 28  
CYS HB3  H N N 29  
CYS HG   H N N 30  
CYS HXT  H N N 31  
GLU N    N N N 32  
GLU CA   C N S 33  
GLU C    C N N 34  
GLU O    O N N 35  
GLU CB   C N N 36  
GLU CG   C N N 37  
GLU CD   C N N 38  
GLU OE1  O N N 39  
GLU OE2  O N N 40  
GLU OXT  O N N 41  
GLU H    H N N 42  
GLU H2   H N N 43  
GLU HA   H N N 44  
GLU HB2  H N N 45  
GLU HB3  H N N 46  
GLU HG2  H N N 47  
GLU HG3  H N N 48  
GLU HE2  H N N 49  
GLU HXT  H N N 50  
GLY N    N N N 51  
GLY CA   C N N 52  
GLY C    C N N 53  
GLY O    O N N 54  
GLY OXT  O N N 55  
GLY H    H N N 56  
GLY H2   H N N 57  
GLY HA2  H N N 58  
GLY HA3  H N N 59  
GLY HXT  H N N 60  
LYS N    N N N 61  
LYS CA   C N S 62  
LYS C    C N N 63  
LYS O    O N N 64  
LYS CB   C N N 65  
LYS CG   C N N 66  
LYS CD   C N N 67  
LYS CE   C N N 68  
LYS NZ   N N N 69  
LYS OXT  O N N 70  
LYS H    H N N 71  
LYS H2   H N N 72  
LYS HA   H N N 73  
LYS HB2  H N N 74  
LYS HB3  H N N 75  
LYS HG2  H N N 76  
LYS HG3  H N N 77  
LYS HD2  H N N 78  
LYS HD3  H N N 79  
LYS HE2  H N N 80  
LYS HE3  H N N 81  
LYS HZ1  H N N 82  
LYS HZ2  H N N 83  
LYS HZ3  H N N 84  
LYS HXT  H N N 85  
PHE N    N N N 86  
PHE CA   C N S 87  
PHE C    C N N 88  
PHE O    O N N 89  
PHE CB   C N N 90  
PHE CG   C Y N 91  
PHE CD1  C Y N 92  
PHE CD2  C Y N 93  
PHE CE1  C Y N 94  
PHE CE2  C Y N 95  
PHE CZ   C Y N 96  
PHE OXT  O N N 97  
PHE H    H N N 98  
PHE H2   H N N 99  
PHE HA   H N N 100 
PHE HB2  H N N 101 
PHE HB3  H N N 102 
PHE HD1  H N N 103 
PHE HD2  H N N 104 
PHE HE1  H N N 105 
PHE HE2  H N N 106 
PHE HZ   H N N 107 
PHE HXT  H N N 108 
PRO N    N N N 109 
PRO CA   C N S 110 
PRO C    C N N 111 
PRO O    O N N 112 
PRO CB   C N N 113 
PRO CG   C N N 114 
PRO CD   C N N 115 
PRO OXT  O N N 116 
PRO H    H N N 117 
PRO HA   H N N 118 
PRO HB2  H N N 119 
PRO HB3  H N N 120 
PRO HG2  H N N 121 
PRO HG3  H N N 122 
PRO HD2  H N N 123 
PRO HD3  H N N 124 
PRO HXT  H N N 125 
SER N    N N N 126 
SER CA   C N S 127 
SER C    C N N 128 
SER O    O N N 129 
SER CB   C N N 130 
SER OG   O N N 131 
SER OXT  O N N 132 
SER H    H N N 133 
SER H2   H N N 134 
SER HA   H N N 135 
SER HB2  H N N 136 
SER HB3  H N N 137 
SER HG   H N N 138 
SER HXT  H N N 139 
THR N    N N N 140 
THR CA   C N S 141 
THR C    C N N 142 
THR O    O N N 143 
THR CB   C N R 144 
THR OG1  O N N 145 
THR CG2  C N N 146 
THR OXT  O N N 147 
THR H    H N N 148 
THR H2   H N N 149 
THR HA   H N N 150 
THR HB   H N N 151 
THR HG1  H N N 152 
THR HG21 H N N 153 
THR HG22 H N N 154 
THR HG23 H N N 155 
THR HXT  H N N 156 
VAL N    N N N 157 
VAL CA   C N S 158 
VAL C    C N N 159 
VAL O    O N N 160 
VAL CB   C N N 161 
VAL CG1  C N N 162 
VAL CG2  C N N 163 
VAL OXT  O N N 164 
VAL H    H N N 165 
VAL H2   H N N 166 
VAL HA   H N N 167 
VAL HB   H N N 168 
VAL HG11 H N N 169 
VAL HG12 H N N 170 
VAL HG13 H N N 171 
VAL HG21 H N N 172 
VAL HG22 H N N 173 
VAL HG23 H N N 174 
VAL HXT  H N N 175 
# 
loop_
_chem_comp_bond.comp_id 
_chem_comp_bond.atom_id_1 
_chem_comp_bond.atom_id_2 
_chem_comp_bond.value_order 
_chem_comp_bond.pdbx_aromatic_flag 
_chem_comp_bond.pdbx_stereo_config 
_chem_comp_bond.pdbx_ordinal 
ASN N   CA   sing N N 1   
ASN N   H    sing N N 2   
ASN N   H2   sing N N 3   
ASN CA  C    sing N N 4   
ASN CA  CB   sing N N 5   
ASN CA  HA   sing N N 6   
ASN C   O    doub N N 7   
ASN C   OXT  sing N N 8   
ASN CB  CG   sing N N 9   
ASN CB  HB2  sing N N 10  
ASN CB  HB3  sing N N 11  
ASN CG  OD1  doub N N 12  
ASN CG  ND2  sing N N 13  
ASN ND2 HD21 sing N N 14  
ASN ND2 HD22 sing N N 15  
ASN OXT HXT  sing N N 16  
CYS N   CA   sing N N 17  
CYS N   H    sing N N 18  
CYS N   H2   sing N N 19  
CYS CA  C    sing N N 20  
CYS CA  CB   sing N N 21  
CYS CA  HA   sing N N 22  
CYS C   O    doub N N 23  
CYS C   OXT  sing N N 24  
CYS CB  SG   sing N N 25  
CYS CB  HB2  sing N N 26  
CYS CB  HB3  sing N N 27  
CYS SG  HG   sing N N 28  
CYS OXT HXT  sing N N 29  
GLU N   CA   sing N N 30  
GLU N   H    sing N N 31  
GLU N   H2   sing N N 32  
GLU CA  C    sing N N 33  
GLU CA  CB   sing N N 34  
GLU CA  HA   sing N N 35  
GLU C   O    doub N N 36  
GLU C   OXT  sing N N 37  
GLU CB  CG   sing N N 38  
GLU CB  HB2  sing N N 39  
GLU CB  HB3  sing N N 40  
GLU CG  CD   sing N N 41  
GLU CG  HG2  sing N N 42  
GLU CG  HG3  sing N N 43  
GLU CD  OE1  doub N N 44  
GLU CD  OE2  sing N N 45  
GLU OE2 HE2  sing N N 46  
GLU OXT HXT  sing N N 47  
GLY N   CA   sing N N 48  
GLY N   H    sing N N 49  
GLY N   H2   sing N N 50  
GLY CA  C    sing N N 51  
GLY CA  HA2  sing N N 52  
GLY CA  HA3  sing N N 53  
GLY C   O    doub N N 54  
GLY C   OXT  sing N N 55  
GLY OXT HXT  sing N N 56  
LYS N   CA   sing N N 57  
LYS N   H    sing N N 58  
LYS N   H2   sing N N 59  
LYS CA  C    sing N N 60  
LYS CA  CB   sing N N 61  
LYS CA  HA   sing N N 62  
LYS C   O    doub N N 63  
LYS C   OXT  sing N N 64  
LYS CB  CG   sing N N 65  
LYS CB  HB2  sing N N 66  
LYS CB  HB3  sing N N 67  
LYS CG  CD   sing N N 68  
LYS CG  HG2  sing N N 69  
LYS CG  HG3  sing N N 70  
LYS CD  CE   sing N N 71  
LYS CD  HD2  sing N N 72  
LYS CD  HD3  sing N N 73  
LYS CE  NZ   sing N N 74  
LYS CE  HE2  sing N N 75  
LYS CE  HE3  sing N N 76  
LYS NZ  HZ1  sing N N 77  
LYS NZ  HZ2  sing N N 78  
LYS NZ  HZ3  sing N N 79  
LYS OXT HXT  sing N N 80  
PHE N   CA   sing N N 81  
PHE N   H    sing N N 82  
PHE N   H2   sing N N 83  
PHE CA  C    sing N N 84  
PHE CA  CB   sing N N 85  
PHE CA  HA   sing N N 86  
PHE C   O    doub N N 87  
PHE C   OXT  sing N N 88  
PHE CB  CG   sing N N 89  
PHE CB  HB2  sing N N 90  
PHE CB  HB3  sing N N 91  
PHE CG  CD1  doub Y N 92  
PHE CG  CD2  sing Y N 93  
PHE CD1 CE1  sing Y N 94  
PHE CD1 HD1  sing N N 95  
PHE CD2 CE2  doub Y N 96  
PHE CD2 HD2  sing N N 97  
PHE CE1 CZ   doub Y N 98  
PHE CE1 HE1  sing N N 99  
PHE CE2 CZ   sing Y N 100 
PHE CE2 HE2  sing N N 101 
PHE CZ  HZ   sing N N 102 
PHE OXT HXT  sing N N 103 
PRO N   CA   sing N N 104 
PRO N   CD   sing N N 105 
PRO N   H    sing N N 106 
PRO CA  C    sing N N 107 
PRO CA  CB   sing N N 108 
PRO CA  HA   sing N N 109 
PRO C   O    doub N N 110 
PRO C   OXT  sing N N 111 
PRO CB  CG   sing N N 112 
PRO CB  HB2  sing N N 113 
PRO CB  HB3  sing N N 114 
PRO CG  CD   sing N N 115 
PRO CG  HG2  sing N N 116 
PRO CG  HG3  sing N N 117 
PRO CD  HD2  sing N N 118 
PRO CD  HD3  sing N N 119 
PRO OXT HXT  sing N N 120 
SER N   CA   sing N N 121 
SER N   H    sing N N 122 
SER N   H2   sing N N 123 
SER CA  C    sing N N 124 
SER CA  CB   sing N N 125 
SER CA  HA   sing N N 126 
SER C   O    doub N N 127 
SER C   OXT  sing N N 128 
SER CB  OG   sing N N 129 
SER CB  HB2  sing N N 130 
SER CB  HB3  sing N N 131 
SER OG  HG   sing N N 132 
SER OXT HXT  sing N N 133 
THR N   CA   sing N N 134 
THR N   H    sing N N 135 
THR N   H2   sing N N 136 
THR CA  C    sing N N 137 
THR CA  CB   sing N N 138 
THR CA  HA   sing N N 139 
THR C   O    doub N N 140 
THR C   OXT  sing N N 141 
THR CB  OG1  sing N N 142 
THR CB  CG2  sing N N 143 
THR CB  HB   sing N N 144 
THR OG1 HG1  sing N N 145 
THR CG2 HG21 sing N N 146 
THR CG2 HG22 sing N N 147 
THR CG2 HG23 sing N N 148 
THR OXT HXT  sing N N 149 
VAL N   CA   sing N N 150 
VAL N   H    sing N N 151 
VAL N   H2   sing N N 152 
VAL CA  C    sing N N 153 
VAL CA  CB   sing N N 154 
VAL CA  HA   sing N N 155 
VAL C   O    doub N N 156 
VAL C   OXT  sing N N 157 
VAL CB  CG1  sing N N 158 
VAL CB  CG2  sing N N 159 
VAL CB  HB   sing N N 160 
VAL CG1 HG11 sing N N 161 
VAL CG1 HG12 sing N N 162 
VAL CG1 HG13 sing N N 163 
VAL CG2 HG21 sing N N 164 
VAL CG2 HG22 sing N N 165 
VAL CG2 HG23 sing N N 166 
VAL OXT HXT  sing N N 167 
# 
_pdbx_nmr_spectrometer.spectrometer_id   1 
_pdbx_nmr_spectrometer.type              ? 
_pdbx_nmr_spectrometer.manufacturer      Varian 
_pdbx_nmr_spectrometer.model             UNITY 
_pdbx_nmr_spectrometer.field_strength    500 
# 
_atom_sites.entry_id                    1L3Q 
_atom_sites.fract_transf_matrix[1][1]   1.000000 
_atom_sites.fract_transf_matrix[1][2]   0.000000 
_atom_sites.fract_transf_matrix[1][3]   0.000000 
_atom_sites.fract_transf_matrix[2][1]   0.000000 
_atom_sites.fract_transf_matrix[2][2]   1.000000 
_atom_sites.fract_transf_matrix[2][3]   0.000000 
_atom_sites.fract_transf_matrix[3][1]   0.000000 
_atom_sites.fract_transf_matrix[3][2]   0.000000 
_atom_sites.fract_transf_matrix[3][3]   1.000000 
_atom_sites.fract_transf_vector[1]      0.00000 
_atom_sites.fract_transf_vector[2]      0.00000 
_atom_sites.fract_transf_vector[3]      0.00000 
# 
loop_
_atom_type.symbol 
C 
H 
N 
O 
S 
# 
loop_
_atom_site.group_PDB 
_atom_site.id 
_atom_site.type_symbol 
_atom_site.label_atom_id 
_atom_site.label_alt_id 
_atom_site.label_comp_id 
_atom_site.label_asym_id 
_atom_site.label_entity_id 
_atom_site.label_seq_id 
_atom_site.pdbx_PDB_ins_code 
_atom_site.Cartn_x 
_atom_site.Cartn_y 
_atom_site.Cartn_z 
_atom_site.occupancy 
_atom_site.B_iso_or_equiv 
_atom_site.pdbx_formal_charge 
_atom_site.auth_seq_id 
_atom_site.auth_comp_id 
_atom_site.auth_asym_id 
_atom_site.auth_atom_id 
_atom_site.pdbx_PDB_model_num 
ATOM 1   N N    . PHE A 1 1  ? -2.695 2.581  2.215  1.00 0.00 ? 1  PHE A N    1 
ATOM 2   C CA   . PHE A 1 1  ? -2.215 1.198  2.373  1.00 0.00 ? 1  PHE A CA   1 
ATOM 3   C C    . PHE A 1 1  ? -3.268 0.195  1.803  1.00 0.00 ? 1  PHE A C    1 
ATOM 4   O O    . PHE A 1 1  ? -4.238 -0.097 2.515  1.00 0.00 ? 1  PHE A O    1 
ATOM 5   C CB   . PHE A 1 1  ? -1.852 0.899  3.851  1.00 0.00 ? 1  PHE A CB   1 
ATOM 6   C CG   . PHE A 1 1  ? -0.567 1.568  4.392  1.00 0.00 ? 1  PHE A CG   1 
ATOM 7   C CD1  . PHE A 1 1  ? 0.678  1.283  3.810  1.00 0.00 ? 1  PHE A CD1  1 
ATOM 8   C CD2  . PHE A 1 1  ? -0.619 2.421  5.500  1.00 0.00 ? 1  PHE A CD2  1 
ATOM 9   C CE1  . PHE A 1 1  ? 1.844  1.823  4.340  1.00 0.00 ? 1  PHE A CE1  1 
ATOM 10  C CE2  . PHE A 1 1  ? 0.551  2.961  6.031  1.00 0.00 ? 1  PHE A CE2  1 
ATOM 11  C CZ   . PHE A 1 1  ? 1.784  2.651  5.460  1.00 0.00 ? 1  PHE A CZ   1 
ATOM 12  H H1   . PHE A 1 1  ? -1.953 3.253  2.429  1.00 0.00 ? 1  PHE A H1   1 
ATOM 13  H H2   . PHE A 1 1  ? -3.005 2.775  1.258  1.00 0.00 ? 1  PHE A H2   1 
ATOM 14  H H3   . PHE A 1 1  ? -3.476 2.802  2.842  1.00 0.00 ? 1  PHE A H3   1 
ATOM 15  H HA   . PHE A 1 1  ? -1.291 1.105  1.788  1.00 0.00 ? 1  PHE A HA   1 
ATOM 16  H HB2  . PHE A 1 1  ? -2.725 1.137  4.491  1.00 0.00 ? 1  PHE A HB2  1 
ATOM 17  H HB3  . PHE A 1 1  ? -1.727 -0.195 3.982  1.00 0.00 ? 1  PHE A HB3  1 
ATOM 18  H HD1  . PHE A 1 1  ? 0.743  0.637  2.945  1.00 0.00 ? 1  PHE A HD1  1 
ATOM 19  H HD2  . PHE A 1 1  ? -1.564 2.672  5.963  1.00 0.00 ? 1  PHE A HD2  1 
ATOM 20  H HE1  . PHE A 1 1  ? 2.801  1.595  3.894  1.00 0.00 ? 1  PHE A HE1  1 
ATOM 21  H HE2  . PHE A 1 1  ? 0.507  3.599  6.901  1.00 0.00 ? 1  PHE A HE2  1 
ATOM 22  H HZ   . PHE A 1 1  ? 2.700  3.052  5.874  1.00 0.00 ? 1  PHE A HZ   1 
ATOM 23  N N    . PRO A 1 2  ? -3.123 -0.396 0.577  1.00 0.00 ? 2  PRO A N    1 
ATOM 24  C CA   . PRO A 1 2  ? -4.042 -1.448 0.064  1.00 0.00 ? 2  PRO A CA   1 
ATOM 25  C C    . PRO A 1 2  ? -3.810 -2.818 0.771  1.00 0.00 ? 2  PRO A C    1 
ATOM 26  O O    . PRO A 1 2  ? -2.813 -3.503 0.510  1.00 0.00 ? 2  PRO A O    1 
ATOM 27  C CB   . PRO A 1 2  ? -3.764 -1.441 -1.453 1.00 0.00 ? 2  PRO A CB   1 
ATOM 28  C CG   . PRO A 1 2  ? -2.381 -0.821 -1.650 1.00 0.00 ? 2  PRO A CG   1 
ATOM 29  C CD   . PRO A 1 2  ? -2.107 0.019  -0.407 1.00 0.00 ? 2  PRO A CD   1 
ATOM 30  H HA   . PRO A 1 2  ? -5.096 -1.125 0.197  1.00 0.00 ? 2  PRO A HA   1 
ATOM 31  H HB2  . PRO A 1 2  ? -3.841 -2.443 -1.920 1.00 0.00 ? 2  PRO A HB2  1 
ATOM 32  H HB3  . PRO A 1 2  ? -4.536 -0.815 -1.947 1.00 0.00 ? 2  PRO A HB3  1 
ATOM 33  H HG2  . PRO A 1 2  ? -1.627 -1.623 -1.734 1.00 0.00 ? 2  PRO A HG2  1 
ATOM 34  H HG3  . PRO A 1 2  ? -2.330 -0.222 -2.575 1.00 0.00 ? 2  PRO A HG3  1 
ATOM 35  H HD2  . PRO A 1 2  ? -1.094 -0.183 -0.015 1.00 0.00 ? 2  PRO A HD2  1 
ATOM 36  H HD3  . PRO A 1 2  ? -2.181 1.101  -0.637 1.00 0.00 ? 2  PRO A HD3  1 
ATOM 37  N N    . GLY A 1 3  ? -4.715 -3.150 1.713  1.00 0.00 ? 3  GLY A N    1 
ATOM 38  C CA   . GLY A 1 3  ? -4.542 -4.293 2.640  1.00 0.00 ? 3  GLY A CA   1 
ATOM 39  C C    . GLY A 1 3  ? -3.354 -4.157 3.625  1.00 0.00 ? 3  GLY A C    1 
ATOM 40  O O    . GLY A 1 3  ? -3.237 -3.168 4.350  1.00 0.00 ? 3  GLY A O    1 
ATOM 41  H H    . GLY A 1 3  ? -5.514 -2.514 1.794  1.00 0.00 ? 3  GLY A H    1 
ATOM 42  H HA2  . GLY A 1 3  ? -5.472 -4.366 3.238  1.00 0.00 ? 3  GLY A HA2  1 
ATOM 43  H HA3  . GLY A 1 3  ? -4.506 -5.243 2.067  1.00 0.00 ? 3  GLY A HA3  1 
ATOM 44  N N    . LYS A 1 4  ? -2.469 -5.161 3.596  1.00 0.00 ? 4  LYS A N    1 
ATOM 45  C CA   . LYS A 1 4  ? -1.154 -5.132 4.303  1.00 0.00 ? 4  LYS A CA   1 
ATOM 46  C C    . LYS A 1 4  ? -0.061 -5.457 3.234  1.00 0.00 ? 4  LYS A C    1 
ATOM 47  O O    . LYS A 1 4  ? 0.133  -6.619 2.855  1.00 0.00 ? 4  LYS A O    1 
ATOM 48  C CB   . LYS A 1 4  ? -1.078 -6.057 5.566  1.00 0.00 ? 4  LYS A CB   1 
ATOM 49  C CG   . LYS A 1 4  ? -1.845 -7.414 5.603  1.00 0.00 ? 4  LYS A CG   1 
ATOM 50  C CD   . LYS A 1 4  ? -3.073 -7.384 6.542  1.00 0.00 ? 4  LYS A CD   1 
ATOM 51  C CE   . LYS A 1 4  ? -4.033 -8.586 6.394  1.00 0.00 ? 4  LYS A CE   1 
ATOM 52  N NZ   . LYS A 1 4  ? -5.206 -8.424 7.270  1.00 0.00 ? 4  LYS A NZ   1 
ATOM 53  H H    . LYS A 1 4  ? -2.574 -5.724 2.748  1.00 0.00 ? 4  LYS A H    1 
ATOM 54  H HA   . LYS A 1 4  ? -0.937 -4.095 4.654  1.00 0.00 ? 4  LYS A HA   1 
ATOM 55  H HB2  . LYS A 1 4  ? -0.010 -6.261 5.776  1.00 0.00 ? 4  LYS A HB2  1 
ATOM 56  H HB3  . LYS A 1 4  ? -1.381 -5.448 6.442  1.00 0.00 ? 4  LYS A HB3  1 
ATOM 57  H HG2  . LYS A 1 4  ? -2.149 -7.735 4.592  1.00 0.00 ? 4  LYS A HG2  1 
ATOM 58  H HG3  . LYS A 1 4  ? -1.162 -8.204 5.948  1.00 0.00 ? 4  LYS A HG3  1 
ATOM 59  H HD2  . LYS A 1 4  ? -2.711 -7.309 7.588  1.00 0.00 ? 4  LYS A HD2  1 
ATOM 60  H HD3  . LYS A 1 4  ? -3.640 -6.448 6.354  1.00 0.00 ? 4  LYS A HD3  1 
ATOM 61  H HE2  . LYS A 1 4  ? -4.386 -8.654 5.349  1.00 0.00 ? 4  LYS A HE2  1 
ATOM 62  H HE3  . LYS A 1 4  ? -3.528 -9.547 6.619  1.00 0.00 ? 4  LYS A HE3  1 
ATOM 63  H HZ1  . LYS A 1 4  ? -6.025 -8.941 6.927  1.00 0.00 ? 4  LYS A HZ1  1 
ATOM 64  H HZ2  . LYS A 1 4  ? -5.013 -8.756 8.218  1.00 0.00 ? 4  LYS A HZ2  1 
ATOM 65  H HZ3  . LYS A 1 4  ? -5.470 -7.436 7.346  1.00 0.00 ? 4  LYS A HZ3  1 
ATOM 66  N N    . ASN A 1 5  ? 0.623  -4.399 2.733  1.00 0.00 ? 5  ASN A N    1 
ATOM 67  C CA   . ASN A 1 5  ? 1.574  -4.500 1.588  1.00 0.00 ? 5  ASN A CA   1 
ATOM 68  C C    . ASN A 1 5  ? 2.486  -3.247 1.549  1.00 0.00 ? 5  ASN A C    1 
ATOM 69  O O    . ASN A 1 5  ? 2.041  -2.118 1.827  1.00 0.00 ? 5  ASN A O    1 
ATOM 70  C CB   . ASN A 1 5  ? 0.812  -4.636 0.237  1.00 0.00 ? 5  ASN A CB   1 
ATOM 71  C CG   . ASN A 1 5  ? 1.640  -4.736 -1.066 1.00 0.00 ? 5  ASN A CG   1 
ATOM 72  O OD1  . ASN A 1 5  ? 1.610  -3.837 -1.904 1.00 0.00 ? 5  ASN A OD1  1 
ATOM 73  N ND2  . ASN A 1 5  ? 2.401  -5.808 -1.256 1.00 0.00 ? 5  ASN A ND2  1 
ATOM 74  H H    . ASN A 1 5  ? 0.311  -3.487 3.097  1.00 0.00 ? 5  ASN A H    1 
ATOM 75  H HA   . ASN A 1 5  ? 2.189  -5.410 1.737  1.00 0.00 ? 5  ASN A HA   1 
ATOM 76  H HB2  . ASN A 1 5  ? 0.171  -5.528 0.279  1.00 0.00 ? 5  ASN A HB2  1 
ATOM 77  H HB3  . ASN A 1 5  ? 0.106  -3.789 0.144  1.00 0.00 ? 5  ASN A HB3  1 
ATOM 78  H HD21 . ASN A 1 5  ? 2.567  -6.406 -0.437 1.00 0.00 ? 5  ASN A HD21 1 
ATOM 79  H HD22 . ASN A 1 5  ? 2.838  -5.911 -2.178 1.00 0.00 ? 5  ASN A HD22 1 
ATOM 80  N N    . VAL A 1 6  ? 3.747  -3.457 1.123  1.00 0.00 ? 6  VAL A N    1 
ATOM 81  C CA   . VAL A 1 6  ? 4.725  -2.352 0.918  1.00 0.00 ? 6  VAL A CA   1 
ATOM 82  C C    . VAL A 1 6  ? 5.705  -2.728 -0.254 1.00 0.00 ? 6  VAL A C    1 
ATOM 83  O O    . VAL A 1 6  ? 6.703  -3.425 -0.056 1.00 0.00 ? 6  VAL A O    1 
ATOM 84  C CB   . VAL A 1 6  ? 5.446  -1.910 2.244  1.00 0.00 ? 6  VAL A CB   1 
ATOM 85  C CG1  . VAL A 1 6  ? 4.520  -1.078 3.159  1.00 0.00 ? 6  VAL A CG1  1 
ATOM 86  C CG2  . VAL A 1 6  ? 6.098  -3.050 3.061  1.00 0.00 ? 6  VAL A CG2  1 
ATOM 87  H H    . VAL A 1 6  ? 3.837  -4.354 0.631  1.00 0.00 ? 6  VAL A H    1 
ATOM 88  H HA   . VAL A 1 6  ? 4.155  -1.472 0.536  1.00 0.00 ? 6  VAL A HA   1 
ATOM 89  H HB   . VAL A 1 6  ? 6.262  -1.225 1.945  1.00 0.00 ? 6  VAL A HB   1 
ATOM 90  H HG11 . VAL A 1 6  ? 3.968  -0.308 2.592  1.00 0.00 ? 6  VAL A HG11 1 
ATOM 91  H HG12 . VAL A 1 6  ? 3.767  -1.702 3.673  1.00 0.00 ? 6  VAL A HG12 1 
ATOM 92  H HG13 . VAL A 1 6  ? 5.092  -0.554 3.940  1.00 0.00 ? 6  VAL A HG13 1 
ATOM 93  H HG21 . VAL A 1 6  ? 6.380  -2.733 4.077  1.00 0.00 ? 6  VAL A HG21 1 
ATOM 94  H HG22 . VAL A 1 6  ? 5.421  -3.913 3.182  1.00 0.00 ? 6  VAL A HG22 1 
ATOM 95  H HG23 . VAL A 1 6  ? 7.012  -3.422 2.571  1.00 0.00 ? 6  VAL A HG23 1 
ATOM 96  N N    . ASN A 1 7  ? 5.417  -2.211 -1.468 1.00 0.00 ? 7  ASN A N    1 
ATOM 97  C CA   . ASN A 1 7  ? 6.324  -2.249 -2.657 1.00 0.00 ? 7  ASN A CA   1 
ATOM 98  C C    . ASN A 1 7  ? 6.267  -0.846 -3.337 1.00 0.00 ? 7  ASN A C    1 
ATOM 99  O O    . ASN A 1 7  ? 7.259  -0.108 -3.280 1.00 0.00 ? 7  ASN A O    1 
ATOM 100 C CB   . ASN A 1 7  ? 6.003  -3.469 -3.575 1.00 0.00 ? 7  ASN A CB   1 
ATOM 101 C CG   . ASN A 1 7  ? 6.857  -3.598 -4.854 1.00 0.00 ? 7  ASN A CG   1 
ATOM 102 O OD1  . ASN A 1 7  ? 7.961  -4.141 -4.847 1.00 0.00 ? 7  ASN A OD1  1 
ATOM 103 N ND2  . ASN A 1 7  ? 6.345  -3.130 -5.984 1.00 0.00 ? 7  ASN A ND2  1 
ATOM 104 H H    . ASN A 1 7  ? 4.554  -1.658 -1.486 1.00 0.00 ? 7  ASN A H    1 
ATOM 105 H HA   . ASN A 1 7  ? 7.365  -2.379 -2.311 1.00 0.00 ? 7  ASN A HA   1 
ATOM 106 H HB2  . ASN A 1 7  ? 6.148  -4.391 -2.985 1.00 0.00 ? 7  ASN A HB2  1 
ATOM 107 H HB3  . ASN A 1 7  ? 4.929  -3.491 -3.826 1.00 0.00 ? 7  ASN A HB3  1 
ATOM 108 H HD21 . ASN A 1 7  ? 5.430  -2.671 -5.917 1.00 0.00 ? 7  ASN A HD21 1 
ATOM 109 H HD22 . ASN A 1 7  ? 6.905  -3.247 -6.838 1.00 0.00 ? 7  ASN A HD22 1 
ATOM 110 N N    . CYS A 1 8  ? 5.126  -0.482 -3.959 1.00 0.00 ? 8  CYS A N    1 
ATOM 111 C CA   . CYS A 1 8  ? 4.855  0.898  -4.440 1.00 0.00 ? 8  CYS A CA   1 
ATOM 112 C C    . CYS A 1 8  ? 3.448  1.302  -3.912 1.00 0.00 ? 8  CYS A C    1 
ATOM 113 O O    . CYS A 1 8  ? 2.437  0.738  -4.348 1.00 0.00 ? 8  CYS A O    1 
ATOM 114 C CB   . CYS A 1 8  ? 4.945  0.965  -5.982 1.00 0.00 ? 8  CYS A CB   1 
ATOM 115 S SG   . CYS A 1 8  ? 6.681  0.958  -6.533 1.00 0.00 ? 8  CYS A SG   1 
ATOM 116 H H    . CYS A 1 8  ? 4.368  -1.160 -3.831 1.00 0.00 ? 8  CYS A H    1 
ATOM 117 H HA   . CYS A 1 8  ? 5.594  1.612  -4.026 1.00 0.00 ? 8  CYS A HA   1 
ATOM 118 H HB2  . CYS A 1 8  ? 4.417  0.127  -6.474 1.00 0.00 ? 8  CYS A HB2  1 
ATOM 119 H HB3  . CYS A 1 8  ? 4.471  1.889  -6.377 1.00 0.00 ? 8  CYS A HB3  1 
ATOM 120 H HG   . CYS A 1 8  ? 6.448  1.294  -7.801 1.00 0.00 ? 8  CYS A HG   1 
ATOM 121 N N    . THR A 1 9  ? 3.387  2.233  -2.939 1.00 0.00 ? 9  THR A N    1 
ATOM 122 C CA   . THR A 1 9  ? 2.119  2.610  -2.244 1.00 0.00 ? 9  THR A CA   1 
ATOM 123 C C    . THR A 1 9  ? 2.080  4.154  -1.969 1.00 0.00 ? 9  THR A C    1 
ATOM 124 O O    . THR A 1 9  ? 3.087  4.740  -1.554 1.00 0.00 ? 9  THR A O    1 
ATOM 125 C CB   . THR A 1 9  ? 1.917  1.841  -0.897 1.00 0.00 ? 9  THR A CB   1 
ATOM 126 O OG1  . THR A 1 9  ? 3.049  1.993  -0.041 1.00 0.00 ? 9  THR A OG1  1 
ATOM 127 C CG2  . THR A 1 9  ? 1.590  0.348  -1.027 1.00 0.00 ? 9  THR A CG2  1 
ATOM 128 H H    . THR A 1 9  ? 4.261  2.749  -2.781 1.00 0.00 ? 9  THR A H    1 
ATOM 129 H HA   . THR A 1 9  ? 1.256  2.378  -2.903 1.00 0.00 ? 9  THR A HA   1 
ATOM 130 H HB   . THR A 1 9  ? 1.050  2.293  -0.374 1.00 0.00 ? 9  THR A HB   1 
ATOM 131 H HG1  . THR A 1 9  ? 2.794  1.605  0.797  1.00 0.00 ? 9  THR A HG1  1 
ATOM 132 H HG21 . THR A 1 9  ? 2.384  -0.227 -1.531 1.00 0.00 ? 9  THR A HG21 1 
ATOM 133 H HG22 . THR A 1 9  ? 1.458  -0.102 -0.030 1.00 0.00 ? 9  THR A HG22 1 
ATOM 134 H HG23 . THR A 1 9  ? 0.654  0.190  -1.588 1.00 0.00 ? 9  THR A HG23 1 
ATOM 135 N N    . SER A 1 10 ? 0.881  4.767  -2.084 1.00 0.00 ? 10 SER A N    1 
ATOM 136 C CA   . SER A 1 10 ? 0.689  6.191  -1.477 1.00 0.00 ? 10 SER A CA   1 
ATOM 137 C C    . SER A 1 10 ? -0.494 6.157  -0.456 1.00 0.00 ? 10 SER A C    1 
ATOM 138 O O    . SER A 1 10 ? -0.246 6.447  0.714  1.00 0.00 ? 10 SER A O    1 
ATOM 139 C CB   . SER A 1 10 ? 0.553  7.285  -2.562 1.00 0.00 ? 10 SER A CB   1 
ATOM 140 O OG   . SER A 1 10 ? -0.374 6.935  -3.581 1.00 0.00 ? 10 SER A OG   1 
ATOM 141 H H    . SER A 1 10 ? 0.163  3.992  -2.316 1.00 0.00 ? 10 SER A H    1 
ATOM 142 H HA   . SER A 1 10 ? 1.540  6.647  -0.801 1.00 0.00 ? 10 SER A HA   1 
ATOM 143 H HB2  . SER A 1 10 ? 0.249  8.249  -2.107 1.00 0.00 ? 10 SER A HB2  1 
ATOM 144 H HB3  . SER A 1 10 ? 1.540  7.486  -3.017 1.00 0.00 ? 10 SER A HB3  1 
ATOM 145 H HG   . SER A 1 10 ? -0.120 6.052  -3.860 1.00 0.00 ? 10 SER A HG   1 
ATOM 146 N N    . GLY A 1 11 ? -1.752 5.817  -0.824 1.00 0.00 ? 11 GLY A N    1 
ATOM 147 C CA   . GLY A 1 11 ? -2.859 5.757  0.168  1.00 0.00 ? 11 GLY A CA   1 
ATOM 148 C C    . GLY A 1 11 ? -4.166 5.277  -0.462 1.00 0.00 ? 11 GLY A C    1 
ATOM 149 O O    . GLY A 1 11 ? -4.940 6.102  -0.951 1.00 0.00 ? 11 GLY A O    1 
ATOM 150 H H    . GLY A 1 11 ? -1.893 5.640  -1.823 1.00 0.00 ? 11 GLY A H    1 
ATOM 151 H HA2  . GLY A 1 11 ? -2.581 5.124  1.032  1.00 0.00 ? 11 GLY A HA2  1 
ATOM 152 H HA3  . GLY A 1 11 ? -3.033 6.764  0.589  1.00 0.00 ? 11 GLY A HA3  1 
ATOM 153 N N    . GLU A 1 12 ? -4.399 3.955  -0.434 1.00 0.00 ? 12 GLU A N    1 
ATOM 154 C CA   . GLU A 1 12 ? -5.475 3.319  -1.235 1.00 0.00 ? 12 GLU A CA   1 
ATOM 155 C C    . GLU A 1 12 ? -6.357 2.432  -0.347 1.00 0.00 ? 12 GLU A C    1 
ATOM 156 O O    . GLU A 1 12 ? -5.852 1.489  0.302  1.00 0.00 ? 12 GLU A O    1 
ATOM 157 C CB   . GLU A 1 12 ? -4.885 2.540  -2.446 1.00 0.00 ? 12 GLU A CB   1 
ATOM 158 C CG   . GLU A 1 12 ? -4.178 3.374  -3.545 1.00 0.00 ? 12 GLU A CG   1 
ATOM 159 C CD   . GLU A 1 12 ? -4.972 4.491  -4.250 1.00 0.00 ? 12 GLU A CD   1 
ATOM 160 O OE1  . GLU A 1 12 ? -6.216 4.539  -4.160 1.00 0.00 ? 12 GLU A OE1  1 
ATOM 161 O OE2  . GLU A 1 12 ? -4.332 5.333  -4.920 1.00 0.00 ? 12 GLU A OE2  1 
ATOM 162 O OXT  . GLU A 1 12 ? -7.588 2.659  -0.310 1.00 0.00 ? 12 GLU A OXT  1 
ATOM 163 H H    . GLU A 1 12 ? -3.704 3.407  0.086  1.00 0.00 ? 12 GLU A H    1 
ATOM 164 H HA   . GLU A 1 12 ? -6.143 4.102  -1.633 1.00 0.00 ? 12 GLU A HA   1 
ATOM 165 H HB2  . GLU A 1 12 ? -4.151 1.796  -2.089 1.00 0.00 ? 12 GLU A HB2  1 
ATOM 166 H HB3  . GLU A 1 12 ? -5.683 1.939  -2.919 1.00 0.00 ? 12 GLU A HB3  1 
ATOM 167 H HG2  . GLU A 1 12 ? -3.261 3.814  -3.109 1.00 0.00 ? 12 GLU A HG2  1 
ATOM 168 H HG3  . GLU A 1 12 ? -3.809 2.683  -4.327 1.00 0.00 ? 12 GLU A HG3  1 
# 
